data_6W12
#
_entry.id   6W12
#
_cell.length_a   52.155
_cell.length_b   52.155
_cell.length_c   112.667
_cell.angle_alpha   90.000
_cell.angle_beta   90.000
_cell.angle_gamma   120.000
#
_symmetry.space_group_name_H-M   'P 31 2 1'
#
loop_
_entity.id
_entity.type
_entity.pdbx_description
1 polymer 'C-type lectin domain family 10 member A'
2 non-polymer 'CALCIUM ION'
3 non-polymer 'CHLORIDE ION'
4 non-polymer 'ZINC ION'
5 non-polymer SERINE
6 non-polymer 2-acetamido-2-deoxy-alpha-D-galactopyranose
7 water water
#
_entity_poly.entity_id   1
_entity_poly.type   'polypeptide(L)'
_entity_poly.pdbx_seq_one_letter_code
;SCPVNWVEHQDSCYWFSHSGMSWAEAEKYCQLKNAHLVVINSREEQNFVQKYLGSAYTWMGLSDPEGAWKWVDGTDYATG
FQNWKPGQPDDWQGHGLGGGEDCAHFHPDGRWNDDVCQRPYHWVCEAGL
;
_entity_poly.pdbx_strand_id   A
#
# COMPACT_ATOMS: atom_id res chain seq x y z
N SER A 1 -13.09 14.92 13.62
CA SER A 1 -11.57 14.81 13.58
C SER A 1 -11.09 14.47 12.16
N CYS A 2 -11.60 13.39 11.56
CA CYS A 2 -11.33 13.02 10.14
C CYS A 2 -12.32 13.75 9.23
N PRO A 3 -11.91 14.16 8.02
CA PRO A 3 -12.87 14.68 7.04
C PRO A 3 -13.88 13.61 6.57
N VAL A 4 -15.01 14.06 6.04
CA VAL A 4 -16.08 13.19 5.46
C VAL A 4 -15.44 12.27 4.39
N ASN A 5 -15.83 11.00 4.44
CA ASN A 5 -15.41 9.87 3.53
C ASN A 5 -14.13 9.23 4.04
N TRP A 6 -13.54 9.72 5.15
CA TRP A 6 -12.36 9.13 5.80
C TRP A 6 -12.79 8.44 7.10
N VAL A 7 -12.04 7.40 7.47
CA VAL A 7 -12.35 6.54 8.64
C VAL A 7 -11.27 6.82 9.66
N GLU A 8 -11.64 7.09 10.91
CA GLU A 8 -10.66 7.35 11.98
C GLU A 8 -10.34 6.03 12.69
N HIS A 9 -9.06 5.67 12.84
CA HIS A 9 -8.63 4.54 13.70
C HIS A 9 -7.31 4.95 14.37
N GLN A 10 -7.30 5.07 15.71
CA GLN A 10 -6.05 5.18 16.52
C GLN A 10 -5.12 6.25 15.94
N ASP A 11 -5.52 7.51 15.90
CA ASP A 11 -4.62 8.63 15.53
C ASP A 11 -4.27 8.67 14.04
N SER A 12 -4.90 7.87 13.17
CA SER A 12 -4.80 8.08 11.71
C SER A 12 -6.21 8.20 11.11
N CYS A 13 -6.31 8.85 9.95
CA CYS A 13 -7.50 8.87 9.09
C CYS A 13 -7.14 8.05 7.86
N TYR A 14 -8.09 7.27 7.36
CA TYR A 14 -7.89 6.39 6.21
C TYR A 14 -8.99 6.65 5.20
N TRP A 15 -8.65 6.51 3.93
CA TRP A 15 -9.61 6.58 2.81
C TRP A 15 -9.36 5.36 1.93
N PHE A 16 -10.41 4.61 1.63
CA PHE A 16 -10.30 3.37 0.83
C PHE A 16 -10.96 3.60 -0.52
N SER A 17 -10.23 3.37 -1.61
CA SER A 17 -10.71 3.63 -2.99
C SER A 17 -11.82 2.64 -3.35
N HIS A 18 -12.67 3.03 -4.29
CA HIS A 18 -13.66 2.14 -4.94
C HIS A 18 -13.25 1.97 -6.40
N SER A 19 -12.01 2.25 -6.69
CA SER A 19 -11.46 2.29 -8.05
C SER A 19 -9.99 1.89 -8.00
N GLY A 20 -9.42 1.70 -9.18
CA GLY A 20 -8.05 1.24 -9.37
C GLY A 20 -7.19 2.28 -10.06
N MET A 21 -5.91 2.28 -9.72
CA MET A 21 -4.90 3.16 -10.33
C MET A 21 -3.56 2.47 -10.22
N SER A 22 -2.64 2.86 -11.07
CA SER A 22 -1.21 2.51 -10.94
C SER A 22 -0.70 3.02 -9.57
N TRP A 23 0.37 2.41 -9.08
CA TRP A 23 0.96 2.83 -7.79
C TRP A 23 1.29 4.33 -7.81
N ALA A 24 1.91 4.83 -8.86
CA ALA A 24 2.37 6.24 -8.93
C ALA A 24 1.17 7.18 -8.95
N GLU A 25 0.08 6.84 -9.64
CA GLU A 25 -1.15 7.67 -9.71
C GLU A 25 -1.86 7.63 -8.34
N ALA A 26 -1.86 6.50 -7.64
CA ALA A 26 -2.47 6.41 -6.30
C ALA A 26 -1.65 7.28 -5.32
N GLU A 27 -0.32 7.20 -5.34
CA GLU A 27 0.52 8.03 -4.41
CA GLU A 27 0.65 8.03 -4.55
C GLU A 27 0.33 9.51 -4.78
N LYS A 28 0.18 9.89 -6.05
CA LYS A 28 -0.12 11.28 -6.45
CA LYS A 28 -0.13 11.28 -6.45
C LYS A 28 -1.49 11.70 -5.88
N TYR A 29 -2.50 10.85 -5.98
CA TYR A 29 -3.85 11.12 -5.44
C TYR A 29 -3.76 11.35 -3.93
N CYS A 30 -3.11 10.46 -3.20
CA CYS A 30 -3.00 10.58 -1.72
C CYS A 30 -2.28 11.90 -1.36
N GLN A 31 -1.22 12.26 -2.10
CA GLN A 31 -0.39 13.48 -1.86
C GLN A 31 -1.26 14.72 -2.10
N LEU A 32 -2.12 14.69 -3.11
CA LEU A 32 -3.04 15.83 -3.38
C LEU A 32 -4.03 16.04 -2.22
N LYS A 33 -4.35 14.99 -1.46
CA LYS A 33 -5.25 15.01 -0.28
C LYS A 33 -4.44 15.24 1.00
N ASN A 34 -3.20 15.71 0.90
CA ASN A 34 -2.30 15.94 2.07
C ASN A 34 -2.21 14.65 2.89
N ALA A 35 -2.03 13.55 2.19
CA ALA A 35 -1.94 12.20 2.78
C ALA A 35 -0.89 11.41 2.03
N HIS A 36 -0.85 10.10 2.23
CA HIS A 36 0.11 9.21 1.54
C HIS A 36 -0.51 7.82 1.48
N LEU A 37 -0.06 6.98 0.56
CA LEU A 37 -0.44 5.56 0.55
C LEU A 37 -0.16 4.98 1.95
N VAL A 38 -1.08 4.12 2.41
CA VAL A 38 -1.08 3.61 3.80
C VAL A 38 0.30 3.01 4.10
N VAL A 39 0.80 3.30 5.29
CA VAL A 39 2.05 2.71 5.85
C VAL A 39 1.59 1.79 6.97
N ILE A 40 1.96 0.51 6.95
CA ILE A 40 1.51 -0.43 8.02
C ILE A 40 2.60 -0.48 9.08
N ASN A 41 2.31 0.02 10.29
CA ASN A 41 3.31 0.25 11.35
C ASN A 41 3.25 -0.88 12.38
N SER A 42 2.17 -1.68 12.42
CA SER A 42 1.89 -2.63 13.53
C SER A 42 0.89 -3.69 13.04
N ARG A 43 0.85 -4.82 13.75
CA ARG A 43 -0.15 -5.91 13.58
C ARG A 43 -1.55 -5.33 13.77
N GLU A 44 -1.76 -4.49 14.77
CA GLU A 44 -3.11 -3.93 15.05
C GLU A 44 -3.55 -3.10 13.82
N GLU A 45 -2.65 -2.37 13.16
CA GLU A 45 -3.04 -1.56 11.97
C GLU A 45 -3.28 -2.49 10.78
N GLN A 46 -2.43 -3.52 10.61
CA GLN A 46 -2.61 -4.54 9.56
C GLN A 46 -4.02 -5.12 9.73
N ASN A 47 -4.43 -5.46 10.95
CA ASN A 47 -5.72 -6.15 11.20
C ASN A 47 -6.85 -5.17 10.83
N PHE A 48 -6.73 -3.90 11.19
CA PHE A 48 -7.77 -2.89 10.86
C PHE A 48 -7.93 -2.76 9.34
N VAL A 49 -6.82 -2.53 8.66
CA VAL A 49 -6.87 -2.34 7.19
C VAL A 49 -7.41 -3.61 6.53
N GLN A 50 -6.89 -4.79 6.84
CA GLN A 50 -7.25 -6.04 6.12
C GLN A 50 -8.74 -6.33 6.32
N LYS A 51 -9.29 -5.93 7.46
CA LYS A 51 -10.73 -6.12 7.78
C LYS A 51 -11.63 -5.36 6.79
N TYR A 52 -11.21 -4.20 6.28
CA TYR A 52 -12.06 -3.31 5.43
CA TYR A 52 -12.06 -3.33 5.42
C TYR A 52 -11.57 -3.30 3.97
N LEU A 53 -10.74 -4.24 3.54
CA LEU A 53 -10.30 -4.24 2.13
C LEU A 53 -11.51 -4.63 1.27
N GLY A 54 -11.69 -3.97 0.13
CA GLY A 54 -12.81 -4.22 -0.81
C GLY A 54 -12.59 -5.43 -1.69
N SER A 55 -12.14 -6.56 -1.11
CA SER A 55 -12.09 -7.91 -1.75
C SER A 55 -11.36 -7.85 -3.10
N ALA A 56 -10.23 -7.14 -3.14
CA ALA A 56 -9.41 -6.96 -4.37
C ALA A 56 -8.00 -6.53 -3.96
N TYR A 57 -7.03 -6.76 -4.86
CA TYR A 57 -5.63 -6.31 -4.65
C TYR A 57 -5.59 -4.81 -4.40
N THR A 58 -4.85 -4.39 -3.37
CA THR A 58 -4.85 -3.03 -2.84
C THR A 58 -3.42 -2.59 -2.58
N TRP A 59 -3.01 -1.50 -3.21
CA TRP A 59 -1.68 -0.88 -3.00
C TRP A 59 -1.52 -0.40 -1.58
N MET A 60 -0.28 -0.46 -1.08
CA MET A 60 0.16 0.22 0.15
C MET A 60 1.41 1.05 -0.20
N GLY A 61 1.84 1.88 0.73
CA GLY A 61 2.91 2.87 0.52
C GLY A 61 4.27 2.24 0.66
N LEU A 62 4.52 1.12 -0.01
CA LEU A 62 5.81 0.37 0.11
C LEU A 62 6.30 0.01 -1.28
N SER A 63 7.54 0.34 -1.59
CA SER A 63 8.12 0.13 -2.92
C SER A 63 9.64 -0.02 -2.83
N ASP A 64 10.27 -0.59 -3.86
CA ASP A 64 11.75 -0.75 -3.89
C ASP A 64 12.35 -0.44 -5.27
N PRO A 65 11.95 0.63 -5.96
CA PRO A 65 12.44 0.87 -7.32
C PRO A 65 13.95 1.19 -7.37
N GLU A 66 14.49 1.86 -6.36
CA GLU A 66 15.92 2.27 -6.32
C GLU A 66 16.75 1.12 -5.71
N GLY A 67 16.11 0.03 -5.28
CA GLY A 67 16.77 -1.25 -4.96
C GLY A 67 16.46 -1.77 -3.55
N ALA A 68 16.11 -0.92 -2.57
CA ALA A 68 15.74 -1.33 -1.19
C ALA A 68 14.28 -0.97 -0.91
N TRP A 69 13.58 -1.75 -0.09
CA TRP A 69 12.15 -1.50 0.27
C TRP A 69 12.06 -0.24 1.12
N LYS A 70 11.15 0.64 0.78
CA LYS A 70 11.00 1.91 1.52
C LYS A 70 9.53 2.19 1.67
N TRP A 71 9.15 2.73 2.84
CA TRP A 71 7.79 3.25 3.06
C TRP A 71 7.72 4.71 2.61
N VAL A 72 6.59 5.14 2.07
CA VAL A 72 6.48 6.50 1.47
C VAL A 72 6.82 7.60 2.49
N ASP A 73 6.54 7.40 3.77
CA ASP A 73 6.69 8.45 4.80
C ASP A 73 8.05 8.38 5.51
N GLY A 74 8.91 7.45 5.11
CA GLY A 74 10.23 7.22 5.71
C GLY A 74 10.23 6.27 6.90
N THR A 75 9.13 5.61 7.26
CA THR A 75 9.17 4.53 8.29
C THR A 75 10.20 3.49 7.86
N ASP A 76 11.03 3.02 8.78
CA ASP A 76 12.14 2.08 8.42
C ASP A 76 11.52 0.72 8.12
N TYR A 77 11.94 0.15 7.01
CA TYR A 77 11.35 -1.09 6.50
C TYR A 77 11.88 -2.23 7.33
N ALA A 78 13.20 -2.34 7.41
CA ALA A 78 13.88 -3.53 7.94
C ALA A 78 13.52 -3.75 9.41
N THR A 79 13.39 -2.71 10.23
CA THR A 79 13.03 -2.87 11.67
C THR A 79 11.51 -2.85 11.87
N GLY A 80 10.73 -2.70 10.80
CA GLY A 80 9.28 -2.42 10.90
C GLY A 80 8.43 -3.68 10.80
N PHE A 81 7.12 -3.51 10.75
CA PHE A 81 6.18 -4.62 10.54
C PHE A 81 6.28 -5.11 9.09
N GLN A 82 6.28 -6.43 8.90
CA GLN A 82 6.23 -7.09 7.59
C GLN A 82 5.20 -8.22 7.63
N ASN A 83 4.53 -8.44 6.50
CA ASN A 83 3.43 -9.42 6.41
C ASN A 83 3.38 -10.04 5.01
N TRP A 84 4.54 -10.42 4.46
CA TRP A 84 4.61 -10.97 3.07
C TRP A 84 3.90 -12.32 2.98
N LYS A 85 3.30 -12.56 1.84
CA LYS A 85 2.86 -13.92 1.39
C LYS A 85 4.10 -14.81 1.37
N PRO A 86 3.96 -16.14 1.64
CA PRO A 86 5.07 -17.07 1.44
C PRO A 86 5.68 -16.90 0.05
N GLY A 87 7.00 -16.80 -0.01
CA GLY A 87 7.75 -16.75 -1.28
C GLY A 87 7.81 -15.33 -1.82
N GLN A 88 7.23 -14.35 -1.11
CA GLN A 88 7.31 -12.92 -1.51
C GLN A 88 8.19 -12.21 -0.50
N PRO A 89 8.83 -11.10 -0.86
CA PRO A 89 8.83 -10.57 -2.22
C PRO A 89 9.80 -11.38 -3.10
N ASP A 90 9.55 -11.48 -4.41
CA ASP A 90 10.37 -12.31 -5.33
C ASP A 90 10.88 -11.47 -6.50
N ASP A 91 10.47 -10.21 -6.66
CA ASP A 91 10.92 -9.34 -7.80
C ASP A 91 10.72 -10.10 -9.13
N TRP A 92 9.58 -10.75 -9.33
CA TRP A 92 9.34 -11.69 -10.46
C TRP A 92 9.46 -10.94 -11.80
N GLN A 93 10.14 -11.53 -12.79
CA GLN A 93 10.28 -10.92 -14.14
C GLN A 93 9.42 -11.69 -15.13
N GLY A 94 8.84 -12.81 -14.72
CA GLY A 94 8.16 -13.79 -15.60
C GLY A 94 6.82 -13.28 -16.14
N HIS A 95 6.27 -12.19 -15.62
CA HIS A 95 5.15 -11.50 -16.28
C HIS A 95 5.51 -11.03 -17.70
N GLY A 96 6.79 -10.77 -17.98
CA GLY A 96 7.31 -10.35 -19.29
C GLY A 96 6.92 -8.91 -19.68
N LEU A 97 6.54 -8.11 -18.70
CA LEU A 97 6.14 -6.68 -18.89
C LEU A 97 7.37 -5.77 -18.79
N GLY A 98 8.54 -6.32 -18.48
CA GLY A 98 9.78 -5.55 -18.36
C GLY A 98 10.12 -5.32 -16.90
N GLY A 99 11.37 -5.59 -16.53
CA GLY A 99 11.84 -5.42 -15.13
C GLY A 99 11.23 -6.47 -14.20
N GLY A 100 11.33 -6.25 -12.90
CA GLY A 100 10.84 -7.17 -11.87
C GLY A 100 9.54 -6.66 -11.29
N GLU A 101 9.44 -6.51 -9.99
CA GLU A 101 8.18 -6.09 -9.33
C GLU A 101 8.57 -5.15 -8.21
N ASP A 102 8.11 -3.90 -8.21
CA ASP A 102 8.72 -2.92 -7.28
C ASP A 102 7.67 -2.29 -6.37
N CYS A 103 6.43 -2.74 -6.34
CA CYS A 103 5.38 -2.09 -5.51
CA CYS A 103 5.44 -2.10 -5.43
C CYS A 103 4.63 -3.17 -4.71
N ALA A 104 4.33 -2.88 -3.44
CA ALA A 104 3.68 -3.89 -2.56
C ALA A 104 2.17 -3.66 -2.55
N HIS A 105 1.38 -4.74 -2.55
CA HIS A 105 -0.08 -4.67 -2.35
C HIS A 105 -0.53 -5.74 -1.40
N PHE A 106 -1.75 -5.56 -0.89
CA PHE A 106 -2.46 -6.55 -0.09
C PHE A 106 -3.11 -7.54 -1.04
N HIS A 107 -3.02 -8.82 -0.72
CA HIS A 107 -4.02 -9.83 -1.12
C HIS A 107 -5.25 -9.61 -0.24
N PRO A 108 -6.44 -10.07 -0.65
CA PRO A 108 -7.63 -9.99 0.20
C PRO A 108 -7.50 -10.54 1.64
N ASP A 109 -6.67 -11.55 1.85
CA ASP A 109 -6.37 -12.15 3.19
C ASP A 109 -5.41 -11.24 3.98
N GLY A 110 -4.92 -10.15 3.38
CA GLY A 110 -4.10 -9.15 4.07
C GLY A 110 -2.63 -9.40 3.90
N ARG A 111 -2.19 -10.56 3.39
CA ARG A 111 -0.75 -10.82 3.17
C ARG A 111 -0.25 -10.05 1.96
N TRP A 112 1.04 -9.72 1.95
CA TRP A 112 1.61 -8.77 0.95
C TRP A 112 2.27 -9.50 -0.22
N ASN A 113 2.28 -8.83 -1.37
CA ASN A 113 3.00 -9.27 -2.59
C ASN A 113 3.65 -8.05 -3.23
N ASP A 114 4.81 -8.25 -3.84
CA ASP A 114 5.42 -7.30 -4.77
C ASP A 114 4.89 -7.54 -6.19
N ASP A 115 4.47 -6.47 -6.91
CA ASP A 115 3.87 -6.64 -8.25
C ASP A 115 4.34 -5.47 -9.10
N VAL A 116 3.89 -5.47 -10.35
CA VAL A 116 4.25 -4.44 -11.34
C VAL A 116 3.52 -3.16 -10.92
N CYS A 117 4.28 -2.10 -10.72
CA CYS A 117 3.77 -0.79 -10.28
CA CYS A 117 3.76 -0.78 -10.28
C CYS A 117 2.65 -0.25 -11.20
N GLN A 118 2.69 -0.55 -12.49
CA GLN A 118 1.72 0.03 -13.46
C GLN A 118 0.34 -0.63 -13.31
N ARG A 119 0.19 -1.73 -12.60
CA ARG A 119 -1.15 -2.39 -12.54
C ARG A 119 -2.16 -1.48 -11.86
N PRO A 120 -3.39 -1.35 -12.41
CA PRO A 120 -4.45 -0.59 -11.74
C PRO A 120 -5.06 -1.42 -10.59
N TYR A 121 -4.63 -1.14 -9.37
CA TYR A 121 -5.17 -1.76 -8.15
C TYR A 121 -5.90 -0.69 -7.35
N HIS A 122 -6.71 -1.16 -6.42
CA HIS A 122 -7.33 -0.31 -5.36
C HIS A 122 -6.21 0.25 -4.52
N TRP A 123 -6.50 1.26 -3.69
CA TRP A 123 -5.47 1.80 -2.76
C TRP A 123 -6.14 2.35 -1.51
N VAL A 124 -5.30 2.65 -0.53
CA VAL A 124 -5.70 3.21 0.79
C VAL A 124 -4.77 4.37 1.06
N CYS A 125 -5.35 5.55 1.32
CA CYS A 125 -4.62 6.75 1.82
C CYS A 125 -4.66 6.76 3.35
N GLU A 126 -3.65 7.38 3.94
CA GLU A 126 -3.55 7.56 5.40
C GLU A 126 -3.02 8.97 5.65
N ALA A 127 -3.52 9.62 6.69
CA ALA A 127 -2.98 10.90 7.19
C ALA A 127 -3.08 10.93 8.72
N GLY A 128 -2.17 11.61 9.38
CA GLY A 128 -2.12 11.73 10.86
C GLY A 128 -3.20 12.64 11.41
N LEU A 129 -3.32 12.65 12.75
CA LEU A 129 -4.09 13.66 13.55
C LEU A 129 -3.15 14.42 14.48
#